data_6JLS
#
_entry.id   6JLS
#
_cell.length_a   216.915
_cell.length_b   216.915
_cell.length_c   216.915
_cell.angle_alpha   90.00
_cell.angle_beta   90.00
_cell.angle_gamma   90.00
#
_symmetry.space_group_name_H-M   'F 41 3 2'
#
loop_
_entity.id
_entity.type
_entity.pdbx_description
1 polymer 'Putative flavoprotein decarboxylase'
2 non-polymer 'FLAVIN MONONUCLEOTIDE'
3 water water
#
_entity_poly.entity_id   1
_entity_poly.type   'polypeptide(L)'
_entity_poly.pdbx_seq_one_letter_code
;GSHMAEHDAAAEGLGQLTLTMCLSGSVSSVAGPHMAAWLSSAGVGRLHVALTPSAQQFVTTNSLRPFVNGSVLTDETVWS
AGGAPHVRIAAESDAVVVAPATAATLGKLANGICDNIVTQIVMAAECPVILAPVMNPAMLAKPAVRRNLDALRAEGFVVA
EPGQGVNATNGRWEAGSMADFRSVFAVALKSAAERKSASD
;
_entity_poly.pdbx_strand_id   A
#
loop_
_chem_comp.id
_chem_comp.type
_chem_comp.name
_chem_comp.formula
FMN non-polymer 'FLAVIN MONONUCLEOTIDE' 'C17 H21 N4 O9 P'
#
# COMPACT_ATOMS: atom_id res chain seq x y z
N GLY A 15 -7.85 -14.53 -9.26
CA GLY A 15 -8.72 -14.57 -10.43
C GLY A 15 -9.77 -13.48 -10.48
N GLN A 16 -10.59 -13.45 -9.43
CA GLN A 16 -11.70 -12.52 -9.32
C GLN A 16 -11.41 -11.39 -8.34
N LEU A 17 -10.14 -11.19 -7.98
CA LEU A 17 -9.76 -10.28 -6.91
C LEU A 17 -9.30 -8.94 -7.46
N THR A 18 -9.63 -7.88 -6.74
CA THR A 18 -9.10 -6.54 -6.97
C THR A 18 -8.14 -6.22 -5.82
N LEU A 19 -6.86 -6.07 -6.12
CA LEU A 19 -5.86 -5.76 -5.11
C LEU A 19 -5.23 -4.40 -5.37
N THR A 20 -5.15 -3.58 -4.33
CA THR A 20 -4.47 -2.29 -4.41
C THR A 20 -3.16 -2.35 -3.64
N MET A 21 -2.07 -2.04 -4.34
CA MET A 21 -0.71 -2.01 -3.81
C MET A 21 -0.29 -0.55 -3.55
N CYS A 22 0.16 -0.26 -2.34
CA CYS A 22 0.62 1.09 -2.00
C CYS A 22 2.11 1.11 -1.77
N LEU A 23 2.78 2.15 -2.28
CA LEU A 23 4.22 2.29 -2.21
C LEU A 23 4.59 3.57 -1.46
N SER A 24 5.48 3.43 -0.49
CA SER A 24 5.96 4.46 0.43
C SER A 24 7.37 4.92 0.03
N GLY A 25 7.82 6.03 0.63
CA GLY A 25 9.13 6.57 0.34
C GLY A 25 10.30 5.80 0.92
N SER A 26 10.38 4.52 0.59
CA SER A 26 11.52 3.69 0.91
C SER A 26 12.15 3.20 -0.40
N VAL A 27 13.46 3.02 -0.41
CA VAL A 27 14.07 2.58 -1.65
C VAL A 27 13.53 1.20 -2.06
N SER A 28 13.08 0.39 -1.09
CA SER A 28 12.47 -0.90 -1.41
C SER A 28 11.31 -0.79 -2.39
N SER A 29 10.69 0.39 -2.52
CA SER A 29 9.57 0.44 -3.44
C SER A 29 9.99 0.39 -4.91
N VAL A 30 11.31 0.35 -5.21
CA VAL A 30 11.73 0.07 -6.59
C VAL A 30 11.32 -1.31 -7.03
N ALA A 31 11.05 -2.20 -6.10
CA ALA A 31 10.51 -3.53 -6.37
C ALA A 31 9.05 -3.50 -6.79
N GLY A 32 8.41 -2.33 -6.77
CA GLY A 32 7.02 -2.18 -7.11
C GLY A 32 6.68 -2.82 -8.45
N PRO A 33 7.39 -2.40 -9.51
CA PRO A 33 7.11 -2.98 -10.84
C PRO A 33 7.31 -4.49 -10.90
N HIS A 34 8.35 -5.00 -10.23
CA HIS A 34 8.54 -6.44 -10.19
C HIS A 34 7.40 -7.13 -9.46
N MET A 35 6.96 -6.57 -8.32
CA MET A 35 5.82 -7.14 -7.58
C MET A 35 4.53 -7.06 -8.38
N ALA A 36 4.29 -5.94 -9.06
CA ALA A 36 3.09 -5.81 -9.87
C ALA A 36 3.07 -6.84 -10.98
N ALA A 37 4.23 -7.13 -11.56
CA ALA A 37 4.30 -8.16 -12.60
C ALA A 37 4.08 -9.54 -12.01
N TRP A 38 4.68 -9.83 -10.85
CA TRP A 38 4.41 -11.08 -10.16
C TRP A 38 2.91 -11.26 -9.92
N LEU A 39 2.24 -10.23 -9.39
CA LEU A 39 0.79 -10.30 -9.19
C LEU A 39 0.06 -10.44 -10.52
N SER A 40 0.41 -9.60 -11.49
CA SER A 40 -0.23 -9.68 -12.81
C SER A 40 0.00 -11.04 -13.44
N SER A 41 1.25 -11.49 -13.49
CA SER A 41 1.59 -12.84 -13.95
C SER A 41 1.15 -13.91 -12.96
N ALA A 42 -0.06 -13.75 -12.43
CA ALA A 42 -0.69 -14.77 -11.61
C ALA A 42 -2.19 -14.54 -11.67
N GLY A 43 -2.92 -14.91 -10.63
CA GLY A 43 -4.36 -14.85 -10.70
C GLY A 43 -5.02 -13.48 -10.62
N VAL A 44 -4.27 -12.45 -10.21
CA VAL A 44 -4.93 -11.22 -9.79
C VAL A 44 -5.66 -10.60 -10.98
N GLY A 45 -6.94 -10.27 -10.76
CA GLY A 45 -7.82 -9.77 -11.79
C GLY A 45 -7.66 -8.28 -12.05
N ARG A 46 -7.82 -7.46 -11.02
CA ARG A 46 -7.57 -6.02 -11.09
C ARG A 46 -6.44 -5.69 -10.14
N LEU A 47 -5.46 -4.94 -10.64
CA LEU A 47 -4.38 -4.44 -9.82
C LEU A 47 -4.38 -2.92 -9.88
N HIS A 48 -4.37 -2.27 -8.71
CA HIS A 48 -4.16 -0.83 -8.61
C HIS A 48 -2.89 -0.55 -7.82
N VAL A 49 -2.26 0.59 -8.12
CA VAL A 49 -1.05 1.01 -7.42
C VAL A 49 -1.19 2.48 -7.07
N ALA A 50 -0.85 2.82 -5.82
CA ALA A 50 -0.83 4.20 -5.35
C ALA A 50 0.52 4.48 -4.73
N LEU A 51 1.00 5.71 -4.89
CA LEU A 51 2.33 6.12 -4.44
C LEU A 51 2.21 7.33 -3.52
N THR A 52 3.01 7.35 -2.47
CA THR A 52 3.17 8.58 -1.73
C THR A 52 4.08 9.52 -2.52
N PRO A 53 4.03 10.81 -2.24
CA PRO A 53 5.00 11.73 -2.89
C PRO A 53 6.45 11.28 -2.73
N SER A 54 6.89 10.92 -1.50
CA SER A 54 8.29 10.49 -1.34
C SER A 54 8.59 9.23 -2.14
N ALA A 55 7.62 8.34 -2.31
CA ALA A 55 7.86 7.13 -3.09
C ALA A 55 8.25 7.44 -4.52
N GLN A 56 7.81 8.59 -5.06
CA GLN A 56 8.10 8.94 -6.45
C GLN A 56 9.55 9.32 -6.69
N GLN A 57 10.36 9.48 -5.64
CA GLN A 57 11.79 9.63 -5.91
C GLN A 57 12.46 8.28 -6.14
N PHE A 58 11.76 7.18 -5.90
CA PHE A 58 12.32 5.85 -6.07
C PHE A 58 11.63 5.01 -7.13
N VAL A 59 10.37 5.28 -7.45
CA VAL A 59 9.61 4.59 -8.50
C VAL A 59 8.96 5.65 -9.37
N THR A 60 8.97 5.42 -10.67
CA THR A 60 8.18 6.24 -11.58
C THR A 60 6.87 5.55 -11.90
N THR A 61 5.85 6.35 -12.22
CA THR A 61 4.59 5.77 -12.61
C THR A 61 4.71 5.03 -13.93
N ASN A 62 5.57 5.52 -14.82
CA ASN A 62 5.74 4.85 -16.12
C ASN A 62 6.40 3.49 -15.99
N SER A 63 7.14 3.25 -14.90
CA SER A 63 7.68 1.92 -14.65
C SER A 63 6.62 0.93 -14.16
N LEU A 64 5.51 1.42 -13.60
CA LEU A 64 4.41 0.60 -13.09
C LEU A 64 3.32 0.34 -14.11
N ARG A 65 2.99 1.35 -14.92
CA ARG A 65 1.84 1.25 -15.80
C ARG A 65 1.83 0.00 -16.68
N PRO A 66 2.96 -0.46 -17.25
CA PRO A 66 2.90 -1.64 -18.13
C PRO A 66 2.45 -2.90 -17.42
N PHE A 67 2.52 -2.95 -16.09
CA PHE A 67 2.17 -4.15 -15.34
C PHE A 67 0.85 -4.03 -14.60
N VAL A 68 0.19 -2.88 -14.71
CA VAL A 68 -0.96 -2.52 -13.88
C VAL A 68 -2.14 -2.30 -14.81
N ASN A 69 -3.13 -3.19 -14.74
CA ASN A 69 -4.33 -3.06 -15.57
C ASN A 69 -5.39 -2.16 -14.94
N GLY A 70 -5.19 -1.72 -13.72
CA GLY A 70 -6.03 -0.70 -13.09
C GLY A 70 -5.39 0.67 -13.18
N SER A 71 -5.52 1.45 -12.11
CA SER A 71 -4.98 2.80 -12.07
C SER A 71 -3.64 2.82 -11.34
N VAL A 72 -2.79 3.76 -11.74
CA VAL A 72 -1.58 4.10 -11.00
C VAL A 72 -1.81 5.52 -10.51
N LEU A 73 -1.94 5.69 -9.20
CA LEU A 73 -2.42 6.92 -8.60
C LEU A 73 -1.32 7.60 -7.83
N THR A 74 -1.15 8.89 -8.09
CA THR A 74 -0.38 9.75 -7.23
C THR A 74 -1.26 10.90 -6.78
N ASP A 75 -0.75 11.65 -5.81
CA ASP A 75 -1.48 12.81 -5.33
C ASP A 75 -1.78 13.81 -6.45
N GLU A 76 -0.84 13.99 -7.39
CA GLU A 76 -1.06 14.94 -8.48
C GLU A 76 -2.07 14.40 -9.49
N THR A 77 -1.96 13.12 -9.83
CA THR A 77 -2.93 12.46 -10.69
C THR A 77 -4.36 12.65 -10.18
N VAL A 78 -4.58 12.35 -8.90
CA VAL A 78 -5.93 12.44 -8.33
C VAL A 78 -6.39 13.88 -8.25
N TRP A 79 -5.49 14.82 -7.92
CA TRP A 79 -5.89 16.21 -7.81
C TRP A 79 -6.40 16.73 -9.15
N SER A 80 -5.62 16.55 -10.22
CA SER A 80 -6.01 17.10 -11.52
C SER A 80 -7.25 16.39 -12.09
N ALA A 81 -7.44 15.11 -11.76
CA ALA A 81 -8.64 14.41 -12.24
C ALA A 81 -9.90 14.86 -11.51
N GLY A 82 -9.78 15.41 -10.31
CA GLY A 82 -10.94 15.71 -9.50
C GLY A 82 -11.64 14.45 -9.02
N GLY A 83 -12.65 14.64 -8.18
CA GLY A 83 -13.31 13.50 -7.58
C GLY A 83 -12.39 12.78 -6.60
N ALA A 84 -12.89 11.65 -6.09
CA ALA A 84 -12.10 10.82 -5.18
C ALA A 84 -11.93 9.42 -5.78
N PRO A 85 -11.30 9.32 -6.96
CA PRO A 85 -11.17 8.00 -7.58
C PRO A 85 -10.42 7.01 -6.72
N HIS A 86 -9.50 7.49 -5.88
CA HIS A 86 -8.79 6.60 -4.97
C HIS A 86 -9.74 5.99 -3.95
N VAL A 87 -10.75 6.74 -3.50
CA VAL A 87 -11.68 6.21 -2.51
C VAL A 87 -12.63 5.20 -3.14
N ARG A 88 -13.00 5.44 -4.41
CA ARG A 88 -13.71 4.42 -5.16
C ARG A 88 -12.87 3.15 -5.25
N ILE A 89 -11.57 3.29 -5.47
CA ILE A 89 -10.69 2.12 -5.60
C ILE A 89 -10.54 1.40 -4.27
N ALA A 90 -10.45 2.16 -3.17
CA ALA A 90 -10.45 1.52 -1.85
C ALA A 90 -11.70 0.68 -1.66
N ALA A 91 -12.87 1.23 -1.99
CA ALA A 91 -14.11 0.48 -1.83
C ALA A 91 -14.13 -0.78 -2.67
N GLU A 92 -13.60 -0.71 -3.90
CA GLU A 92 -13.59 -1.83 -4.84
C GLU A 92 -12.48 -2.84 -4.58
N SER A 93 -11.68 -2.67 -3.53
CA SER A 93 -10.54 -3.56 -3.33
C SER A 93 -10.91 -4.70 -2.41
N ASP A 94 -10.39 -5.89 -2.72
CA ASP A 94 -10.49 -7.03 -1.82
C ASP A 94 -9.31 -7.14 -0.88
N ALA A 95 -8.23 -6.42 -1.16
CA ALA A 95 -7.14 -6.27 -0.19
C ALA A 95 -6.33 -5.05 -0.60
N VAL A 96 -5.75 -4.41 0.40
CA VAL A 96 -4.86 -3.26 0.23
C VAL A 96 -3.55 -3.61 0.92
N VAL A 97 -2.45 -3.53 0.18
CA VAL A 97 -1.11 -3.83 0.73
C VAL A 97 -0.27 -2.56 0.68
N VAL A 98 0.36 -2.22 1.81
CA VAL A 98 1.36 -1.15 1.85
C VAL A 98 2.71 -1.80 2.07
N ALA A 99 3.53 -1.79 1.03
CA ALA A 99 4.77 -2.55 1.01
C ALA A 99 5.71 -1.95 -0.04
N PRO A 100 6.76 -1.24 0.38
CA PRO A 100 7.12 -1.04 1.79
C PRO A 100 6.26 0.03 2.47
N ALA A 101 6.14 -0.06 3.79
CA ALA A 101 5.51 0.98 4.61
C ALA A 101 6.59 1.63 5.45
N THR A 102 6.86 2.91 5.18
CA THR A 102 7.85 3.65 5.93
C THR A 102 7.39 3.93 7.35
N ALA A 103 8.33 4.35 8.19
CA ALA A 103 7.98 4.82 9.53
C ALA A 103 6.96 5.94 9.46
N ALA A 104 7.15 6.86 8.49
CA ALA A 104 6.30 8.04 8.39
C ALA A 104 4.88 7.64 8.04
N THR A 105 4.73 6.75 7.06
CA THR A 105 3.41 6.31 6.65
C THR A 105 2.72 5.48 7.74
N LEU A 106 3.46 4.56 8.37
CA LEU A 106 2.93 3.83 9.53
C LEU A 106 2.51 4.80 10.63
N GLY A 107 3.32 5.83 10.88
CA GLY A 107 3.00 6.78 11.93
C GLY A 107 1.74 7.57 11.62
N LYS A 108 1.55 7.93 10.35
CA LYS A 108 0.35 8.67 9.96
C LYS A 108 -0.88 7.80 10.09
N LEU A 109 -0.83 6.57 9.56
CA LEU A 109 -1.98 5.68 9.66
C LEU A 109 -2.32 5.42 11.12
N ALA A 110 -1.29 5.12 11.92
CA ALA A 110 -1.47 4.83 13.33
C ALA A 110 -2.18 5.96 14.05
N ASN A 111 -2.08 7.19 13.56
CA ASN A 111 -2.64 8.34 14.25
C ASN A 111 -3.77 9.00 13.45
N GLY A 112 -4.29 8.31 12.44
CA GLY A 112 -5.43 8.80 11.66
C GLY A 112 -5.18 10.06 10.86
N ILE A 113 -3.95 10.31 10.41
CA ILE A 113 -3.62 11.51 9.64
C ILE A 113 -3.42 11.10 8.18
N CYS A 114 -4.53 11.06 7.42
CA CYS A 114 -4.47 10.68 6.01
C CYS A 114 -4.32 11.93 5.14
N ASP A 115 -3.07 12.41 5.01
CA ASP A 115 -2.81 13.63 4.26
C ASP A 115 -2.36 13.39 2.82
N ASN A 116 -2.27 12.13 2.37
CA ASN A 116 -2.03 11.83 0.97
C ASN A 116 -2.94 10.69 0.54
N ILE A 117 -2.91 10.43 -0.77
CA ILE A 117 -3.77 9.46 -1.41
C ILE A 117 -3.54 8.06 -0.86
N VAL A 118 -2.30 7.69 -0.55
CA VAL A 118 -2.04 6.35 -0.01
C VAL A 118 -2.72 6.18 1.36
N THR A 119 -2.50 7.12 2.28
CA THR A 119 -3.11 7.01 3.60
C THR A 119 -4.62 7.12 3.53
N GLN A 120 -5.16 7.91 2.59
CA GLN A 120 -6.61 7.99 2.44
C GLN A 120 -7.18 6.66 1.95
N ILE A 121 -6.47 5.98 1.04
CA ILE A 121 -6.95 4.68 0.56
C ILE A 121 -7.03 3.68 1.71
N VAL A 122 -5.99 3.62 2.55
CA VAL A 122 -5.98 2.66 3.65
C VAL A 122 -7.10 2.97 4.63
N MET A 123 -7.22 4.24 5.03
CA MET A 123 -8.23 4.57 6.03
C MET A 123 -9.66 4.47 5.49
N ALA A 124 -9.85 4.47 4.17
CA ALA A 124 -11.16 4.26 3.58
C ALA A 124 -11.47 2.79 3.32
N ALA A 125 -10.47 1.92 3.40
CA ALA A 125 -10.65 0.54 3.02
C ALA A 125 -11.34 -0.25 4.12
N GLU A 126 -12.27 -1.12 3.71
CA GLU A 126 -12.94 -2.04 4.61
C GLU A 126 -12.53 -3.48 4.39
N CYS A 127 -11.71 -3.72 3.38
CA CYS A 127 -11.11 -5.02 3.10
C CYS A 127 -9.89 -5.24 4.01
N PRO A 128 -9.35 -6.46 4.03
CA PRO A 128 -8.07 -6.69 4.73
C PRO A 128 -6.98 -5.73 4.25
N VAL A 129 -6.18 -5.26 5.22
CA VAL A 129 -5.06 -4.37 4.97
C VAL A 129 -3.79 -5.03 5.51
N ILE A 130 -2.83 -5.25 4.63
CA ILE A 130 -1.55 -5.82 5.01
C ILE A 130 -0.47 -4.76 4.87
N LEU A 131 0.34 -4.57 5.92
CA LEU A 131 1.40 -3.58 5.96
C LEU A 131 2.74 -4.27 6.16
N ALA A 132 3.75 -3.86 5.37
CA ALA A 132 5.11 -4.40 5.46
C ALA A 132 6.07 -3.28 5.88
N PRO A 133 6.30 -3.10 7.18
CA PRO A 133 7.24 -2.05 7.61
C PRO A 133 8.63 -2.30 7.07
N VAL A 134 9.29 -1.22 6.67
CA VAL A 134 10.69 -1.27 6.27
C VAL A 134 11.34 -0.02 6.83
N MET A 135 12.39 -0.21 7.63
CA MET A 135 13.15 0.91 8.17
C MET A 135 14.41 0.33 8.81
N ASN A 136 15.37 1.22 9.09
CA ASN A 136 16.56 0.78 9.81
C ASN A 136 16.15 0.37 11.23
N PRO A 137 16.71 -0.71 11.77
CA PRO A 137 16.33 -1.13 13.12
C PRO A 137 16.65 -0.10 14.21
N ALA A 138 17.40 0.97 13.89
CA ALA A 138 17.52 2.12 14.80
C ALA A 138 16.21 2.87 14.95
N MET A 139 15.22 2.59 14.10
CA MET A 139 13.88 3.14 14.20
C MET A 139 12.84 2.13 14.66
N LEU A 140 13.00 0.86 14.30
CA LEU A 140 11.95 -0.14 14.53
C LEU A 140 11.83 -0.52 16.00
N ALA A 141 12.85 -0.24 16.82
CA ALA A 141 12.78 -0.49 18.25
C ALA A 141 12.49 0.77 19.05
N LYS A 142 12.34 1.92 18.40
CA LYS A 142 11.95 3.15 19.07
C LYS A 142 10.55 2.99 19.67
N PRO A 143 10.33 3.40 20.93
CA PRO A 143 9.00 3.27 21.54
C PRO A 143 7.86 3.84 20.69
N ALA A 144 8.06 5.00 20.07
CA ALA A 144 6.97 5.62 19.33
C ALA A 144 6.55 4.74 18.16
N VAL A 145 7.51 4.05 17.54
CA VAL A 145 7.18 3.18 16.42
C VAL A 145 6.49 1.91 16.89
N ARG A 146 6.96 1.34 18.01
CA ARG A 146 6.28 0.20 18.63
C ARG A 146 4.82 0.52 18.88
N ARG A 147 4.55 1.69 19.47
CA ARG A 147 3.17 2.06 19.77
C ARG A 147 2.36 2.25 18.49
N ASN A 148 2.98 2.79 17.44
CA ASN A 148 2.26 2.92 16.18
C ASN A 148 1.85 1.56 15.64
N LEU A 149 2.75 0.57 15.71
CA LEU A 149 2.40 -0.78 15.28
C LEU A 149 1.28 -1.36 16.16
N ASP A 150 1.31 -1.09 17.47
CA ASP A 150 0.19 -1.45 18.33
C ASP A 150 -1.11 -0.83 17.81
N ALA A 151 -1.09 0.47 17.50
CA ALA A 151 -2.30 1.12 17.01
C ALA A 151 -2.74 0.54 15.67
N LEU A 152 -1.78 0.25 14.78
CA LEU A 152 -2.13 -0.26 13.46
C LEU A 152 -2.82 -1.61 13.56
N ARG A 153 -2.41 -2.38 14.54
CA ARG A 153 -2.93 -3.71 14.76
C ARG A 153 -4.27 -3.70 15.47
N ALA A 154 -4.50 -2.70 16.31
CA ALA A 154 -5.83 -2.45 16.84
C ALA A 154 -6.81 -2.03 15.76
N GLU A 155 -6.34 -1.40 14.68
CA GLU A 155 -7.16 -1.11 13.50
C GLU A 155 -7.63 -2.37 12.80
N GLY A 156 -7.11 -3.54 13.16
CA GLY A 156 -7.37 -4.75 12.43
C GLY A 156 -6.40 -5.00 11.28
N PHE A 157 -5.42 -4.12 11.08
CA PHE A 157 -4.45 -4.29 10.02
C PHE A 157 -3.49 -5.42 10.36
N VAL A 158 -2.99 -6.09 9.34
CA VAL A 158 -1.99 -7.15 9.48
C VAL A 158 -0.61 -6.53 9.30
N VAL A 159 0.22 -6.59 10.33
CA VAL A 159 1.55 -5.99 10.30
C VAL A 159 2.56 -7.11 10.13
N ALA A 160 3.21 -7.14 8.97
CA ALA A 160 4.16 -8.20 8.61
C ALA A 160 5.58 -7.72 8.91
N GLU A 161 5.98 -7.85 10.17
CA GLU A 161 7.36 -7.60 10.53
C GLU A 161 8.24 -8.76 10.07
N PRO A 162 9.56 -8.53 9.91
CA PRO A 162 10.26 -7.25 10.06
C PRO A 162 10.17 -6.37 8.83
N PHE A 181 9.07 -10.21 0.17
CA PHE A 181 7.85 -9.44 -0.11
C PHE A 181 6.79 -10.33 -0.76
N ARG A 182 7.21 -11.43 -1.40
CA ARG A 182 6.22 -12.34 -1.97
C ARG A 182 5.41 -13.03 -0.87
N SER A 183 6.02 -13.27 0.28
CA SER A 183 5.28 -13.81 1.42
C SER A 183 4.19 -12.84 1.87
N VAL A 184 4.46 -11.54 1.80
CA VAL A 184 3.48 -10.54 2.21
C VAL A 184 2.27 -10.57 1.28
N PHE A 185 2.50 -10.61 -0.03
CA PHE A 185 1.39 -10.62 -0.96
C PHE A 185 0.62 -11.93 -0.93
N ALA A 186 1.25 -13.02 -0.49
CA ALA A 186 0.53 -14.28 -0.32
C ALA A 186 -0.50 -14.16 0.80
N VAL A 187 -0.13 -13.54 1.92
CA VAL A 187 -1.06 -13.36 3.02
C VAL A 187 -2.22 -12.46 2.62
N ALA A 188 -1.93 -11.40 1.85
CA ALA A 188 -2.98 -10.52 1.37
C ALA A 188 -3.97 -11.25 0.47
N LEU A 189 -3.47 -12.09 -0.45
CA LEU A 189 -4.36 -12.82 -1.35
C LEU A 189 -5.21 -13.83 -0.60
N LYS A 190 -4.66 -14.47 0.45
CA LYS A 190 -5.49 -15.39 1.23
C LYS A 190 -6.63 -14.64 1.90
N SER A 191 -6.34 -13.54 2.59
CA SER A 191 -7.38 -12.74 3.24
C SER A 191 -8.42 -12.24 2.24
N ALA A 192 -8.00 -11.88 1.03
CA ALA A 192 -8.93 -11.38 0.03
C ALA A 192 -9.92 -12.44 -0.43
N ALA A 193 -9.57 -13.73 -0.27
CA ALA A 193 -10.51 -14.79 -0.64
C ALA A 193 -11.79 -14.73 0.20
N GLU A 194 -11.69 -14.35 1.47
CA GLU A 194 -12.88 -14.21 2.30
C GLU A 194 -13.25 -12.74 2.51
N1 FMN B . 12.01 5.73 5.75
C2 FMN B . 11.51 4.53 6.20
O2 FMN B . 10.63 4.52 7.06
N3 FMN B . 12.00 3.34 5.69
C4 FMN B . 12.98 3.36 4.73
O4 FMN B . 13.42 2.30 4.27
C4A FMN B . 13.48 4.57 4.27
N5 FMN B . 14.47 4.59 3.30
C5A FMN B . 14.97 5.79 2.85
C6 FMN B . 15.97 5.78 1.88
C7 FMN B . 16.49 6.97 1.40
C7M FMN B . 17.57 6.94 0.35
C8 FMN B . 16.00 8.20 1.90
C8M FMN B . 16.56 9.50 1.40
C9 FMN B . 15.00 8.21 2.88
C9A FMN B . 14.49 7.00 3.36
N10 FMN B . 13.49 6.97 4.33
C10 FMN B . 12.99 5.76 4.78
C1' FMN B . 12.95 8.26 4.88
C2' FMN B . 11.60 8.54 4.19
O2' FMN B . 11.72 8.71 2.79
C3' FMN B . 10.90 9.75 4.79
O3' FMN B . 10.50 9.43 6.11
C4' FMN B . 9.70 10.14 3.93
O4' FMN B . 9.11 11.37 4.30
C5' FMN B . 8.64 9.05 3.96
O5' FMN B . 7.55 9.56 3.23
P FMN B . 6.24 8.69 2.96
O1P FMN B . 6.04 7.71 4.09
O2P FMN B . 5.04 9.62 2.89
O3P FMN B . 6.40 7.92 1.67
#